data_4CP2
#
_entry.id   4CP2
#
_cell.length_a   66.840
_cell.length_b   66.840
_cell.length_c   115.950
_cell.angle_alpha   90.00
_cell.angle_beta   90.00
_cell.angle_gamma   120.00
#
_symmetry.space_group_name_H-M   'P 31 2 1'
#
loop_
_entity.id
_entity.type
_entity.pdbx_description
1 polymer 'EPITHELIAL ADHESIN 9'
2 branched beta-D-galactopyranose-(1-4)-2-acetamido-2-deoxy-beta-D-glucopyranose
3 non-polymer 'CALCIUM ION'
4 non-polymer 'CHLORIDE ION'
5 water water
#
_entity_poly.entity_id   1
_entity_poly.type   'polypeptide(L)'
_entity_poly.pdbx_seq_one_letter_code
;MGSSHHHHHHSSGLVPRGSHMASDITPFAHYPRPEGCSSPPNAVSVGLHMDLYNYPYLYVKNPRTGFTNDTDSDADGETD
GDSAGGIEGRAGQCWNPEYQDPNFPRYGYKKYGSFGSSDHVNGKISWDHNEFKEGCKPIMARLPTAYNYPAKITFSNFTM
VLSGYFKPKSTGLYKFEIHADDFILFNFGSKNAFECCNREESIDNFGPYVAYAMWPNEADQELEVYLFEDSYYPIRLFYN
NRDYHSKFMVGFYPPNTEEITYDFDGYLYMLDDTGNECKDSIRYKTVCDD
;
_entity_poly.pdbx_strand_id   A
#
# COMPACT_ATOMS: atom_id res chain seq x y z
N HIS A 30 5.46 25.51 -0.17
CA HIS A 30 6.01 24.79 -1.37
C HIS A 30 5.50 23.36 -1.43
N TYR A 31 4.62 23.09 -2.38
CA TYR A 31 4.13 21.73 -2.57
C TYR A 31 5.28 20.78 -2.89
N PRO A 32 5.31 19.63 -2.22
CA PRO A 32 6.29 18.59 -2.53
C PRO A 32 6.20 18.17 -4.00
N ARG A 33 7.35 17.96 -4.61
CA ARG A 33 7.44 17.62 -6.03
C ARG A 33 8.39 16.41 -6.15
N PRO A 34 7.88 15.19 -5.89
CA PRO A 34 8.73 14.00 -5.86
C PRO A 34 9.23 13.56 -7.23
N GLU A 35 10.35 12.83 -7.24
CA GLU A 35 10.97 12.34 -8.46
C GLU A 35 10.22 11.14 -9.04
N GLY A 36 10.15 11.10 -10.38
CA GLY A 36 9.49 10.01 -11.11
C GLY A 36 10.42 9.22 -12.02
N CYS A 37 9.81 8.32 -12.79
CA CYS A 37 10.54 7.38 -13.66
C CYS A 37 10.03 7.47 -15.08
N SER A 38 10.85 7.06 -16.03
CA SER A 38 10.46 7.05 -17.46
C SER A 38 10.70 5.66 -18.05
N SER A 39 9.80 5.19 -18.92
CA SER A 39 9.99 3.91 -19.61
C SER A 39 9.32 3.85 -20.97
N PRO A 40 9.95 3.15 -21.93
CA PRO A 40 9.25 2.90 -23.19
C PRO A 40 7.99 2.02 -22.96
N PRO A 41 6.86 2.37 -23.60
CA PRO A 41 5.57 1.67 -23.46
C PRO A 41 5.61 0.12 -23.38
N ASN A 42 6.44 -0.52 -24.20
CA ASN A 42 6.55 -1.98 -24.21
C ASN A 42 7.09 -2.54 -22.89
N ALA A 43 7.88 -1.76 -22.16
CA ALA A 43 8.36 -2.15 -20.82
C ALA A 43 7.34 -1.92 -19.70
N VAL A 44 6.22 -1.27 -20.03
CA VAL A 44 5.16 -1.00 -19.06
C VAL A 44 4.06 -2.06 -19.11
N SER A 45 3.63 -2.52 -17.93
CA SER A 45 2.44 -3.35 -17.82
C SER A 45 1.49 -2.73 -16.79
N VAL A 46 0.27 -3.27 -16.67
CA VAL A 46 -0.76 -2.71 -15.77
C VAL A 46 -0.68 -3.26 -14.36
N GLY A 47 -0.94 -2.38 -13.37
CA GLY A 47 -1.15 -2.80 -11.99
C GLY A 47 0.07 -3.05 -11.13
N LEU A 48 -0.21 -3.22 -9.83
CA LEU A 48 0.82 -3.30 -8.81
C LEU A 48 1.14 -4.73 -8.42
N HIS A 49 2.26 -4.90 -7.73
CA HIS A 49 2.64 -6.17 -7.12
C HIS A 49 2.16 -6.19 -5.67
N MET A 50 1.81 -7.39 -5.20
CA MET A 50 1.35 -7.63 -3.82
C MET A 50 2.08 -8.82 -3.22
N ASP A 51 2.51 -8.65 -1.98
CA ASP A 51 2.96 -9.75 -1.14
C ASP A 51 2.21 -9.73 0.18
N LEU A 52 1.77 -10.91 0.61
CA LEU A 52 0.99 -11.09 1.84
C LEU A 52 1.83 -11.83 2.88
N TYR A 53 1.83 -11.33 4.11
CA TYR A 53 2.67 -11.92 5.16
C TYR A 53 1.83 -12.30 6.33
N ASN A 54 2.19 -13.41 6.95
CA ASN A 54 1.54 -13.84 8.16
C ASN A 54 1.74 -12.79 9.23
N TYR A 55 0.75 -12.67 10.11
CA TYR A 55 0.84 -11.83 11.28
C TYR A 55 0.05 -12.49 12.42
N PRO A 56 0.67 -13.41 13.15
CA PRO A 56 -0.08 -14.18 14.14
C PRO A 56 -0.57 -13.39 15.35
N TYR A 57 -1.57 -13.94 16.04
CA TYR A 57 -1.99 -13.45 17.35
C TYR A 57 -0.98 -13.97 18.36
N LEU A 58 -0.83 -13.28 19.48
CA LEU A 58 -0.05 -13.84 20.58
C LEU A 58 -0.68 -15.14 21.02
N TYR A 59 -2.01 -15.18 21.11
CA TYR A 59 -2.72 -16.42 21.42
C TYR A 59 -4.14 -16.40 20.83
N VAL A 60 -4.63 -17.59 20.50
CA VAL A 60 -5.99 -17.81 20.05
C VAL A 60 -6.66 -18.89 20.92
N LYS A 61 -7.67 -18.48 21.68
CA LYS A 61 -8.71 -19.37 22.23
C LYS A 61 -8.30 -20.84 22.41
N GLY A 92 -1.51 -8.14 28.67
CA GLY A 92 -2.02 -9.50 28.47
C GLY A 92 -3.12 -9.62 27.42
N GLN A 93 -3.14 -8.70 26.46
CA GLN A 93 -4.11 -8.74 25.33
C GLN A 93 -3.75 -9.81 24.29
N CYS A 94 -4.76 -10.26 23.54
CA CYS A 94 -4.61 -11.32 22.52
C CYS A 94 -3.77 -10.95 21.30
N TRP A 95 -3.85 -9.70 20.86
CA TRP A 95 -3.16 -9.27 19.64
C TRP A 95 -1.68 -8.93 19.88
N ASN A 96 -0.91 -9.08 18.81
CA ASN A 96 0.54 -8.92 18.84
C ASN A 96 0.90 -7.45 18.65
N PRO A 97 1.71 -6.89 19.56
CA PRO A 97 2.02 -5.46 19.47
C PRO A 97 3.21 -5.18 18.56
N GLU A 98 3.81 -6.24 18.03
CA GLU A 98 4.98 -6.17 17.15
C GLU A 98 4.89 -5.06 16.09
N TYR A 99 3.76 -5.02 15.39
CA TYR A 99 3.50 -4.03 14.35
C TYR A 99 3.80 -2.57 14.74
N GLN A 100 3.98 -2.33 16.05
CA GLN A 100 4.28 -1.00 16.57
C GLN A 100 5.78 -0.74 16.62
N ASP A 101 6.59 -1.79 16.74
CA ASP A 101 8.07 -1.64 16.73
C ASP A 101 8.52 -0.86 15.47
N PRO A 102 9.44 0.11 15.63
CA PRO A 102 9.92 0.86 14.45
C PRO A 102 10.71 0.05 13.39
N ASN A 103 11.33 -1.06 13.79
CA ASN A 103 11.96 -1.98 12.83
C ASN A 103 10.98 -2.85 12.03
N PHE A 104 9.71 -2.83 12.38
CA PHE A 104 8.73 -3.72 11.79
C PHE A 104 8.48 -3.49 10.30
N PRO A 105 8.15 -2.24 9.91
CA PRO A 105 7.93 -1.97 8.48
C PRO A 105 9.16 -2.17 7.62
N ARG A 106 10.34 -2.12 8.22
CA ARG A 106 11.57 -2.25 7.47
C ARG A 106 12.03 -3.68 7.30
N TYR A 107 11.86 -4.49 8.33
CA TYR A 107 12.18 -5.89 8.17
C TYR A 107 11.49 -6.88 9.11
N GLY A 108 10.91 -6.39 10.21
CA GLY A 108 10.11 -7.27 11.09
C GLY A 108 8.90 -7.90 10.41
N TYR A 109 8.37 -7.26 9.37
CA TYR A 109 7.13 -7.70 8.75
C TYR A 109 7.25 -9.04 7.99
N LYS A 110 8.49 -9.40 7.69
CA LYS A 110 8.81 -10.65 7.00
C LYS A 110 9.04 -11.85 7.93
N LYS A 111 9.27 -11.61 9.22
CA LYS A 111 9.74 -12.68 10.10
C LYS A 111 8.73 -13.79 10.45
N TYR A 112 7.46 -13.62 10.10
CA TYR A 112 6.47 -14.70 10.24
C TYR A 112 6.27 -15.47 8.93
N GLY A 113 7.08 -15.15 7.93
CA GLY A 113 6.98 -15.75 6.63
C GLY A 113 5.86 -15.06 5.87
N SER A 114 5.73 -15.43 4.61
CA SER A 114 4.69 -14.91 3.76
C SER A 114 3.76 -16.07 3.41
N PHE A 115 2.58 -15.77 2.85
CA PHE A 115 1.71 -16.84 2.39
C PHE A 115 1.11 -16.66 1.00
N GLY A 116 1.30 -15.50 0.38
CA GLY A 116 0.71 -15.28 -0.92
C GLY A 116 1.20 -14.02 -1.59
N SER A 117 1.00 -13.98 -2.91
CA SER A 117 1.30 -12.80 -3.71
C SER A 117 0.38 -12.71 -4.92
N SER A 118 0.42 -11.56 -5.60
CA SER A 118 -0.32 -11.38 -6.84
C SER A 118 0.31 -10.29 -7.69
N ASP A 119 -0.19 -10.12 -8.90
CA ASP A 119 0.34 -9.11 -9.80
C ASP A 119 -0.80 -8.44 -10.54
N HIS A 120 -0.49 -7.35 -11.23
CA HIS A 120 -1.51 -6.62 -11.97
C HIS A 120 -2.62 -6.08 -11.08
N VAL A 121 -2.30 -5.77 -9.83
CA VAL A 121 -3.31 -5.25 -8.93
C VAL A 121 -3.75 -3.88 -9.41
N ASN A 122 -5.03 -3.75 -9.75
CA ASN A 122 -5.56 -2.51 -10.34
C ASN A 122 -6.98 -2.15 -9.89
N GLY A 123 -7.35 -0.88 -10.06
CA GLY A 123 -8.70 -0.40 -9.82
C GLY A 123 -9.08 -0.13 -8.38
N LYS A 124 -10.07 -0.88 -7.89
CA LYS A 124 -10.69 -0.62 -6.58
C LYS A 124 -10.06 -1.44 -5.47
N ILE A 125 -8.98 -0.90 -4.93
CA ILE A 125 -8.13 -1.63 -4.03
C ILE A 125 -8.46 -1.38 -2.55
N SER A 126 -9.34 -0.44 -2.24
CA SER A 126 -9.65 -0.13 -0.85
C SER A 126 -10.73 -1.05 -0.28
N TRP A 127 -10.82 -1.11 1.04
CA TRP A 127 -11.88 -1.87 1.70
C TRP A 127 -12.10 -1.32 3.08
N ASP A 128 -13.26 -1.68 3.62
CA ASP A 128 -13.63 -1.36 4.99
C ASP A 128 -14.46 -2.52 5.54
N HIS A 129 -13.80 -3.41 6.28
CA HIS A 129 -14.45 -4.61 6.82
C HIS A 129 -14.72 -4.36 8.28
N ASN A 130 -15.97 -4.01 8.59
CA ASN A 130 -16.36 -3.73 9.96
C ASN A 130 -17.55 -4.59 10.36
N GLU A 131 -17.71 -5.69 9.64
CA GLU A 131 -18.81 -6.59 9.88
C GLU A 131 -18.47 -7.70 10.86
N PHE A 132 -17.18 -7.88 11.16
CA PHE A 132 -16.76 -9.05 11.96
C PHE A 132 -17.36 -8.96 13.36
N LYS A 133 -17.80 -10.10 13.91
CA LYS A 133 -18.45 -10.11 15.21
C LYS A 133 -17.47 -10.34 16.34
N GLU A 134 -16.45 -11.13 16.09
CA GLU A 134 -15.59 -11.63 17.15
C GLU A 134 -14.20 -11.08 17.03
N GLY A 135 -13.65 -10.63 18.15
CA GLY A 135 -12.25 -10.24 18.22
C GLY A 135 -11.43 -11.43 18.68
N CYS A 136 -10.10 -11.26 18.69
CA CYS A 136 -9.15 -12.24 19.23
C CYS A 136 -9.21 -13.60 18.54
N LYS A 137 -9.58 -13.58 17.27
CA LYS A 137 -9.86 -14.80 16.54
C LYS A 137 -9.62 -14.56 15.03
N PRO A 138 -8.86 -15.44 14.37
CA PRO A 138 -8.72 -15.37 12.92
C PRO A 138 -10.03 -15.61 12.18
N ILE A 139 -10.26 -14.80 11.15
CA ILE A 139 -11.49 -14.82 10.38
C ILE A 139 -11.08 -14.83 8.92
N MET A 140 -11.62 -15.76 8.15
CA MET A 140 -11.27 -15.87 6.75
C MET A 140 -12.17 -14.98 5.91
N ALA A 141 -11.59 -14.22 4.99
CA ALA A 141 -12.35 -13.44 4.00
C ALA A 141 -11.54 -13.11 2.76
N ARG A 142 -12.24 -12.72 1.70
CA ARG A 142 -11.58 -12.44 0.44
C ARG A 142 -11.26 -10.95 0.30
N LEU A 143 -10.13 -10.68 -0.34
CA LEU A 143 -9.75 -9.35 -0.78
C LEU A 143 -10.65 -8.89 -1.93
N PRO A 144 -10.73 -7.57 -2.17
CA PRO A 144 -11.39 -7.14 -3.40
C PRO A 144 -10.85 -7.90 -4.62
N THR A 145 -11.60 -7.94 -5.71
CA THR A 145 -11.18 -8.65 -6.91
C THR A 145 -10.07 -7.92 -7.67
N ALA A 146 -9.84 -6.67 -7.30
CA ALA A 146 -8.74 -5.91 -7.86
C ALA A 146 -7.40 -6.61 -7.61
N TYR A 147 -7.32 -7.44 -6.57
CA TYR A 147 -6.04 -8.04 -6.14
C TYR A 147 -5.66 -9.32 -6.91
N ASN A 148 -6.55 -9.82 -7.75
CA ASN A 148 -6.26 -11.02 -8.54
C ASN A 148 -5.80 -12.15 -7.63
N TYR A 149 -6.41 -12.23 -6.45
CA TYR A 149 -6.03 -13.20 -5.42
C TYR A 149 -7.25 -13.95 -4.87
N PRO A 150 -7.50 -15.16 -5.40
CA PRO A 150 -8.77 -15.86 -5.17
C PRO A 150 -8.97 -16.39 -3.75
N ALA A 151 -7.90 -16.79 -3.08
CA ALA A 151 -8.01 -17.48 -1.80
C ALA A 151 -8.39 -16.55 -0.67
N LYS A 152 -9.14 -17.11 0.27
CA LYS A 152 -9.47 -16.42 1.50
C LYS A 152 -8.22 -16.25 2.32
N ILE A 153 -8.13 -15.11 2.99
CA ILE A 153 -7.02 -14.83 3.89
C ILE A 153 -7.56 -14.59 5.29
N THR A 154 -6.67 -14.67 6.27
CA THR A 154 -6.96 -14.28 7.64
C THR A 154 -7.05 -12.75 7.77
N PHE A 155 -8.17 -12.20 7.31
CA PHE A 155 -8.34 -10.74 7.19
C PHE A 155 -8.19 -10.04 8.54
N SER A 156 -8.52 -10.77 9.59
CA SER A 156 -8.38 -10.30 10.98
C SER A 156 -6.92 -10.00 11.37
N ASN A 157 -5.98 -10.71 10.76
CA ASN A 157 -4.58 -10.59 11.13
C ASN A 157 -3.66 -10.98 9.99
N PHE A 158 -3.03 -9.98 9.39
CA PHE A 158 -2.14 -10.18 8.27
C PHE A 158 -1.37 -8.89 7.99
N THR A 159 -0.39 -8.99 7.10
CA THR A 159 0.36 -7.84 6.62
C THR A 159 0.44 -7.93 5.09
N MET A 160 0.46 -6.76 4.45
CA MET A 160 0.43 -6.67 2.99
C MET A 160 1.33 -5.51 2.58
N VAL A 161 2.12 -5.73 1.53
CA VAL A 161 2.86 -4.65 0.90
C VAL A 161 2.51 -4.60 -0.56
N LEU A 162 2.09 -3.42 -1.03
CA LEU A 162 1.82 -3.18 -2.44
C LEU A 162 2.80 -2.19 -3.05
N SER A 163 3.47 -2.60 -4.13
CA SER A 163 4.45 -1.73 -4.78
C SER A 163 4.34 -1.69 -6.30
N GLY A 164 4.71 -0.55 -6.87
CA GLY A 164 4.67 -0.32 -8.31
C GLY A 164 4.67 1.18 -8.56
N TYR A 165 3.93 1.65 -9.55
CA TYR A 165 4.04 3.03 -9.95
C TYR A 165 2.69 3.68 -10.12
N PHE A 166 2.57 4.92 -9.60
CA PHE A 166 1.41 5.75 -9.85
C PHE A 166 1.77 6.70 -10.99
N LYS A 167 0.90 6.76 -12.00
CA LYS A 167 1.08 7.61 -13.17
C LYS A 167 -0.07 8.62 -13.30
N PRO A 168 0.18 9.92 -13.01
CA PRO A 168 -0.93 10.86 -13.14
C PRO A 168 -1.45 10.93 -14.54
N LYS A 169 -2.75 11.18 -14.68
CA LYS A 169 -3.37 11.43 -15.97
C LYS A 169 -3.21 12.85 -16.49
N SER A 170 -2.96 13.80 -15.59
CA SER A 170 -2.60 15.18 -15.95
C SER A 170 -1.60 15.75 -14.96
N THR A 171 -0.78 16.69 -15.44
CA THR A 171 0.13 17.41 -14.60
C THR A 171 -0.67 18.28 -13.64
N GLY A 172 -0.29 18.30 -12.38
CA GLY A 172 -1.05 19.06 -11.40
C GLY A 172 -0.87 18.52 -10.00
N LEU A 173 -1.63 19.10 -9.08
CA LEU A 173 -1.50 18.78 -7.67
C LEU A 173 -2.47 17.68 -7.26
N TYR A 174 -1.97 16.68 -6.55
CA TYR A 174 -2.78 15.54 -6.17
C TYR A 174 -2.85 15.50 -4.68
N LYS A 175 -4.01 15.17 -4.16
CA LYS A 175 -4.14 14.99 -2.74
C LYS A 175 -4.55 13.56 -2.47
N PHE A 176 -3.88 12.93 -1.51
CA PHE A 176 -4.18 11.56 -1.14
C PHE A 176 -4.70 11.55 0.27
N GLU A 177 -5.53 10.56 0.55
CA GLU A 177 -6.18 10.51 1.81
C GLU A 177 -6.16 9.07 2.19
N ILE A 178 -5.74 8.77 3.41
CA ILE A 178 -5.71 7.39 3.84
C ILE A 178 -6.34 7.19 5.22
N HIS A 179 -7.06 6.08 5.37
CA HIS A 179 -7.77 5.77 6.60
C HIS A 179 -7.48 4.33 6.92
N ALA A 180 -6.90 4.11 8.10
CA ALA A 180 -6.27 2.86 8.44
C ALA A 180 -6.87 2.20 9.68
N ASP A 181 -7.08 0.89 9.56
CA ASP A 181 -7.26 0.01 10.72
C ASP A 181 -6.59 -1.31 10.37
N ASP A 182 -5.40 -1.63 10.92
CA ASP A 182 -4.74 -0.87 12.00
C ASP A 182 -3.68 0.15 11.59
N PHE A 183 -2.99 -0.10 10.48
CA PHE A 183 -1.72 0.55 10.19
C PHE A 183 -1.49 0.68 8.68
N ILE A 184 -1.20 1.89 8.21
CA ILE A 184 -0.88 2.10 6.80
C ILE A 184 0.32 3.02 6.68
N LEU A 185 1.25 2.63 5.83
CA LEU A 185 2.38 3.48 5.53
C LEU A 185 2.33 3.81 4.06
N PHE A 186 2.73 5.02 3.72
CA PHE A 186 2.63 5.53 2.36
C PHE A 186 3.99 6.13 2.02
N ASN A 187 4.68 5.46 1.10
CA ASN A 187 5.89 5.99 0.51
C ASN A 187 5.70 6.26 -0.97
N PHE A 188 6.30 7.33 -1.46
CA PHE A 188 6.01 7.85 -2.79
C PHE A 188 7.17 8.64 -3.35
N GLY A 189 7.59 8.29 -4.56
CA GLY A 189 8.70 8.93 -5.22
C GLY A 189 9.90 8.01 -5.35
N SER A 190 10.69 8.25 -6.40
CA SER A 190 11.92 7.50 -6.66
C SER A 190 12.93 7.69 -5.55
N LYS A 191 12.81 8.75 -4.78
CA LYS A 191 13.71 8.97 -3.65
C LYS A 191 13.02 8.79 -2.31
N ASN A 192 11.87 8.10 -2.29
CA ASN A 192 11.15 7.87 -1.04
C ASN A 192 10.64 6.44 -0.96
N ALA A 193 10.07 5.94 -2.04
CA ALA A 193 9.58 4.58 -2.08
C ALA A 193 10.66 3.57 -2.50
N PHE A 194 11.12 3.65 -3.74
CA PHE A 194 12.14 2.72 -4.22
C PHE A 194 12.74 3.26 -5.52
N GLU A 195 13.83 2.66 -5.98
CA GLU A 195 14.50 3.10 -7.21
C GLU A 195 13.71 2.77 -8.48
N CYS A 196 13.71 3.68 -9.45
CA CYS A 196 13.16 3.39 -10.77
C CYS A 196 13.75 2.11 -11.38
N CYS A 197 12.87 1.22 -11.85
CA CYS A 197 13.25 -0.01 -12.54
C CYS A 197 14.11 -0.95 -11.68
N ASN A 198 13.98 -0.85 -10.37
CA ASN A 198 14.71 -1.72 -9.44
C ASN A 198 13.89 -2.01 -8.17
N ARG A 199 12.62 -2.33 -8.37
CA ARG A 199 11.67 -2.36 -7.27
C ARG A 199 11.91 -3.53 -6.32
N GLU A 200 12.19 -4.72 -6.85
CA GLU A 200 12.41 -5.91 -6.01
C GLU A 200 13.65 -5.78 -5.12
N GLU A 201 14.76 -5.31 -5.66
CA GLU A 201 15.97 -5.11 -4.84
C GLU A 201 15.80 -4.00 -3.78
N SER A 202 15.23 -2.86 -4.15
CA SER A 202 15.20 -1.68 -3.24
C SER A 202 13.91 -1.47 -2.44
N ILE A 203 13.04 -2.49 -2.44
CA ILE A 203 11.70 -2.35 -1.86
C ILE A 203 11.69 -1.91 -0.39
N ASP A 204 12.70 -2.30 0.37
CA ASP A 204 12.75 -1.94 1.77
C ASP A 204 13.77 -0.84 2.09
N ASN A 205 14.07 0.00 1.10
CA ASN A 205 15.01 1.12 1.27
C ASN A 205 14.26 2.45 1.28
N PHE A 206 13.01 2.40 1.73
CA PHE A 206 12.17 3.58 1.71
C PHE A 206 12.63 4.62 2.73
N GLY A 207 12.17 5.85 2.52
CA GLY A 207 12.48 6.97 3.39
C GLY A 207 11.43 7.28 4.45
N PRO A 208 11.60 8.41 5.14
CA PRO A 208 10.58 8.84 6.07
C PRO A 208 9.24 8.87 5.36
N TYR A 209 8.22 8.38 6.04
CA TYR A 209 6.89 8.21 5.45
C TYR A 209 6.31 9.51 4.95
N VAL A 210 5.57 9.42 3.84
CA VAL A 210 4.84 10.56 3.36
C VAL A 210 3.53 10.63 4.15
N ALA A 211 3.10 9.49 4.70
CA ALA A 211 1.95 9.44 5.62
C ALA A 211 2.02 8.20 6.51
N TYR A 212 1.68 8.37 7.78
CA TYR A 212 1.77 7.32 8.79
C TYR A 212 0.46 7.27 9.57
N ALA A 213 -0.39 6.31 9.20
CA ALA A 213 -1.72 6.19 9.78
C ALA A 213 -1.74 4.96 10.63
N MET A 214 -2.03 5.18 11.91
CA MET A 214 -2.23 4.08 12.82
C MET A 214 -3.48 4.31 13.65
N TRP A 215 -4.30 3.27 13.71
CA TRP A 215 -5.43 3.19 14.62
C TRP A 215 -4.92 3.11 16.06
N PRO A 216 -5.62 3.72 17.02
CA PRO A 216 -6.83 4.53 16.95
C PRO A 216 -6.59 6.00 16.85
N ASN A 217 -5.37 6.44 17.12
CA ASN A 217 -5.14 7.84 17.40
C ASN A 217 -4.51 8.63 16.27
N GLU A 218 -4.01 7.94 15.26
CA GLU A 218 -3.40 8.60 14.12
C GLU A 218 -3.99 8.06 12.85
N ALA A 219 -5.25 7.69 12.90
CA ALA A 219 -5.82 6.83 11.87
C ALA A 219 -6.21 7.53 10.59
N ASP A 220 -6.24 8.86 10.56
CA ASP A 220 -6.62 9.60 9.36
C ASP A 220 -5.49 10.52 8.93
N GLN A 221 -5.10 10.42 7.67
CA GLN A 221 -3.99 11.22 7.17
C GLN A 221 -4.28 11.71 5.76
N GLU A 222 -3.64 12.81 5.40
CA GLU A 222 -3.63 13.28 4.03
C GLU A 222 -2.30 13.89 3.67
N LEU A 223 -2.10 14.06 2.36
CA LEU A 223 -0.83 14.55 1.82
C LEU A 223 -1.03 15.13 0.41
N GLU A 224 -0.24 16.16 0.07
CA GLU A 224 -0.30 16.79 -1.25
C GLU A 224 1.03 16.68 -1.99
N VAL A 225 0.98 16.24 -3.25
CA VAL A 225 2.15 16.18 -4.11
C VAL A 225 1.82 16.72 -5.50
N TYR A 226 2.78 17.43 -6.10
CA TYR A 226 2.62 17.95 -7.46
C TYR A 226 3.28 16.98 -8.42
N LEU A 227 2.54 16.58 -9.45
CA LEU A 227 2.89 15.46 -10.31
C LEU A 227 2.82 15.80 -11.78
N PHE A 228 3.53 15.04 -12.61
CA PHE A 228 3.63 15.33 -14.04
C PHE A 228 3.09 14.16 -14.89
N GLU A 229 2.27 14.49 -15.90
CA GLU A 229 1.71 13.49 -16.85
C GLU A 229 2.72 12.40 -17.30
N ASP A 230 3.91 12.83 -17.67
CA ASP A 230 4.87 11.92 -18.29
C ASP A 230 5.72 11.03 -17.34
N SER A 231 5.35 10.96 -16.06
CA SER A 231 6.19 10.24 -15.09
C SER A 231 5.45 9.17 -14.30
N TYR A 232 6.14 8.06 -14.08
CA TYR A 232 5.67 6.96 -13.25
C TYR A 232 6.36 7.08 -11.90
N TYR A 233 5.59 7.22 -10.84
CA TYR A 233 6.17 7.44 -9.52
C TYR A 233 6.11 6.16 -8.69
N PRO A 234 7.28 5.69 -8.23
CA PRO A 234 7.34 4.55 -7.35
C PRO A 234 6.40 4.76 -6.19
N ILE A 235 5.65 3.73 -5.85
CA ILE A 235 4.68 3.88 -4.78
C ILE A 235 4.68 2.62 -3.94
N ARG A 236 4.66 2.78 -2.62
CA ARG A 236 4.72 1.64 -1.70
C ARG A 236 3.72 1.82 -0.56
N LEU A 237 2.85 0.83 -0.44
CA LEU A 237 1.76 0.86 0.50
C LEU A 237 1.86 -0.33 1.40
N PHE A 238 1.99 -0.05 2.68
CA PHE A 238 2.17 -1.05 3.69
C PHE A 238 0.91 -1.10 4.52
N TYR A 239 0.29 -2.28 4.65
CA TYR A 239 -0.88 -2.43 5.52
C TYR A 239 -0.79 -3.58 6.53
N ASN A 240 -1.23 -3.32 7.76
CA ASN A 240 -1.33 -4.37 8.78
C ASN A 240 -2.67 -4.32 9.49
N ASN A 241 -3.23 -5.51 9.71
CA ASN A 241 -4.29 -5.71 10.67
C ASN A 241 -3.75 -6.60 11.77
N ARG A 242 -3.80 -6.10 13.00
CA ARG A 242 -3.37 -6.85 14.18
C ARG A 242 -4.48 -7.71 14.71
N ASP A 243 -5.71 -7.36 14.36
CA ASP A 243 -6.88 -7.90 15.04
C ASP A 243 -8.22 -7.42 14.44
N TYR A 244 -9.18 -8.33 14.34
CA TYR A 244 -10.60 -7.92 14.23
C TYR A 244 -10.75 -7.08 12.97
N HIS A 245 -11.34 -5.90 13.09
CA HIS A 245 -11.76 -5.11 11.94
C HIS A 245 -10.57 -4.58 11.15
N SER A 246 -10.82 -4.37 9.86
CA SER A 246 -9.78 -4.08 8.91
C SER A 246 -10.27 -2.99 7.98
N LYS A 247 -9.50 -1.90 7.88
CA LYS A 247 -9.84 -0.82 6.97
C LYS A 247 -8.58 -0.43 6.19
N PHE A 248 -8.66 -0.44 4.86
CA PHE A 248 -7.52 -0.04 4.06
C PHE A 248 -8.01 0.89 3.01
N MET A 249 -8.03 2.18 3.33
CA MET A 249 -8.67 3.13 2.45
C MET A 249 -7.65 4.14 1.99
N VAL A 250 -7.37 4.08 0.71
CA VAL A 250 -6.43 4.97 0.07
C VAL A 250 -7.18 5.59 -1.10
N GLY A 251 -7.43 6.89 -0.97
CA GLY A 251 -8.07 7.66 -2.01
C GLY A 251 -7.31 8.93 -2.34
N PHE A 252 -7.69 9.54 -3.46
CA PHE A 252 -7.07 10.79 -3.91
C PHE A 252 -8.05 11.72 -4.64
N TYR A 253 -7.65 12.99 -4.70
CA TYR A 253 -8.32 14.04 -5.46
C TYR A 253 -7.36 14.45 -6.56
N PRO A 254 -7.74 14.22 -7.81
CA PRO A 254 -6.89 14.74 -8.87
C PRO A 254 -6.92 16.27 -8.87
N PRO A 255 -6.11 16.88 -9.73
CA PRO A 255 -6.07 18.33 -9.80
C PRO A 255 -7.44 18.92 -10.06
N ASN A 256 -7.72 20.04 -9.41
CA ASN A 256 -8.97 20.76 -9.60
C ASN A 256 -10.20 19.86 -9.48
N THR A 257 -10.19 18.94 -8.53
CA THR A 257 -11.30 18.00 -8.35
C THR A 257 -11.69 17.98 -6.90
N GLU A 258 -12.97 18.19 -6.64
CA GLU A 258 -13.48 18.31 -5.27
C GLU A 258 -13.88 16.97 -4.68
N GLU A 259 -14.31 16.03 -5.52
CA GLU A 259 -14.80 14.76 -5.02
C GLU A 259 -13.69 13.72 -5.01
N ILE A 260 -13.60 12.96 -3.92
CA ILE A 260 -12.57 11.94 -3.79
C ILE A 260 -12.91 10.73 -4.64
N THR A 261 -11.87 9.99 -5.04
CA THR A 261 -12.04 8.71 -5.72
C THR A 261 -11.22 7.61 -5.03
N TYR A 262 -11.75 6.40 -5.03
CA TYR A 262 -11.05 5.23 -4.49
C TYR A 262 -10.77 4.22 -5.61
N ASP A 263 -10.91 4.68 -6.85
CA ASP A 263 -10.68 3.87 -8.02
C ASP A 263 -9.38 4.37 -8.66
N PHE A 264 -8.39 3.48 -8.67
CA PHE A 264 -7.08 3.77 -9.25
C PHE A 264 -7.00 3.35 -10.71
N ASP A 265 -8.09 2.87 -11.28
CA ASP A 265 -8.01 2.33 -12.62
C ASP A 265 -7.47 3.38 -13.57
N GLY A 266 -6.45 2.99 -14.33
CA GLY A 266 -5.80 3.89 -15.29
C GLY A 266 -4.61 4.64 -14.71
N TYR A 267 -4.35 4.47 -13.41
CA TYR A 267 -3.26 5.18 -12.74
C TYR A 267 -2.09 4.29 -12.30
N LEU A 268 -2.28 2.96 -12.31
CA LEU A 268 -1.34 2.03 -11.66
C LEU A 268 -0.66 1.12 -12.67
N TYR A 269 0.67 1.05 -12.57
CA TYR A 269 1.49 0.41 -13.58
C TYR A 269 2.72 -0.20 -12.96
N MET A 270 3.35 -1.09 -13.71
CA MET A 270 4.58 -1.70 -13.31
C MET A 270 5.58 -1.57 -14.44
N LEU A 271 6.82 -1.26 -14.10
CA LEU A 271 7.87 -1.17 -15.10
C LEU A 271 8.77 -2.37 -14.93
N ASP A 272 9.52 -2.68 -15.97
CA ASP A 272 10.45 -3.81 -15.93
C ASP A 272 11.62 -3.50 -15.03
N ASP A 273 12.14 -4.54 -14.37
CA ASP A 273 13.26 -4.35 -13.47
C ASP A 273 14.59 -4.49 -14.19
N THR A 274 14.90 -3.49 -15.01
CA THR A 274 16.12 -3.49 -15.79
C THR A 274 17.26 -2.87 -14.99
N GLY A 275 17.00 -1.76 -14.30
CA GLY A 275 17.95 -1.25 -13.31
C GLY A 275 18.78 -0.09 -13.80
N ASN A 276 18.30 0.58 -14.83
CA ASN A 276 19.07 1.64 -15.45
C ASN A 276 18.50 3.00 -15.11
N GLU A 277 17.54 3.01 -14.18
CA GLU A 277 16.58 4.12 -14.05
C GLU A 277 15.72 4.17 -15.32
N CYS A 278 15.81 3.07 -16.08
CA CYS A 278 14.94 2.82 -17.20
C CYS A 278 15.41 3.51 -18.50
#